data_7TY3
#
_entry.id   7TY3
#
_cell.length_a   52.092
_cell.length_b   76.702
_cell.length_c   75.461
_cell.angle_alpha   90.000
_cell.angle_beta   90.000
_cell.angle_gamma   90.000
#
_symmetry.space_group_name_H-M   'P 21 21 21'
#
loop_
_entity.id
_entity.type
_entity.pdbx_description
1 polymer 'Histone-lysine N-methyltransferase SETD2'
2 non-polymer 'ZINC ION'
3 non-polymer S-ADENOSYLMETHIONINE
4 non-polymer N-[(1R,3R)-3-(4-acetylpiperazin-1-yl)cyclohexyl]-4-fluoro-7-methyl-1H-indole-2-carboxamide
5 non-polymer 1,2-ETHANEDIOL
6 water water
#
_entity_poly.entity_id   1
_entity_poly.type   'polypeptide(L)'
_entity_poly.pdbx_seq_one_letter_code
;GETSVPPGSALVGPSCVMDDFRDPQRWKECAKQGKMPCYFDLIEENVYLTERKKNKSHRDIKRMQCECTPLSKDERAQGE
IACGEDCLNRLLMIECSSRCPNGDYCSNRRFQRKQHADVEVILTEKKGWGLRAAKDLPSNTFVLEYCGEVLDHKEFKARV
KEYARNKNIHYYFMALKNDEIIDATQKGNCSRFMNHSCEPNCETQKWTVNGQLRVGFFTTKLVPSGSELTFDYQFQRYGK
EAQKCFCGSANCRGYLGGENRVSIRAAGGKMKKERSRK
;
_entity_poly.pdbx_strand_id   A
#
# COMPACT_ATOMS: atom_id res chain seq x y z
N GLY A 13 23.20 -0.95 -0.96
CA GLY A 13 22.14 -1.45 -1.89
C GLY A 13 21.76 -0.40 -2.93
N PRO A 14 21.39 -0.79 -4.17
CA PRO A 14 20.83 0.17 -5.11
C PRO A 14 19.48 0.66 -4.57
N SER A 15 19.12 1.91 -4.87
CA SER A 15 17.80 2.52 -4.57
C SER A 15 17.24 3.20 -5.83
N CYS A 16 15.95 3.48 -5.82
CA CYS A 16 15.29 4.30 -6.87
C CYS A 16 14.05 4.98 -6.28
N VAL A 17 13.74 6.17 -6.78
CA VAL A 17 12.60 7.02 -6.34
C VAL A 17 11.38 6.55 -7.13
N MET A 18 10.18 6.96 -6.72
CA MET A 18 8.92 6.41 -7.29
C MET A 18 8.74 6.88 -8.73
N ASP A 19 9.39 7.99 -9.11
CA ASP A 19 9.27 8.60 -10.46
C ASP A 19 10.05 7.77 -11.50
N ASP A 20 10.95 6.90 -11.05
CA ASP A 20 11.75 6.01 -11.93
C ASP A 20 10.85 4.93 -12.57
N PHE A 21 9.65 4.71 -12.02
CA PHE A 21 8.71 3.65 -12.49
C PHE A 21 7.82 4.16 -13.64
N ARG A 22 7.85 5.47 -13.89
CA ARG A 22 7.00 6.15 -14.91
C ARG A 22 7.59 5.98 -16.32
N ASP A 23 8.88 5.65 -16.44
CA ASP A 23 9.59 5.49 -17.74
C ASP A 23 9.88 4.02 -18.01
N PRO A 24 8.94 3.28 -18.66
CA PRO A 24 9.11 1.83 -18.90
C PRO A 24 10.41 1.41 -19.58
N GLN A 25 10.88 2.17 -20.58
CA GLN A 25 12.11 1.84 -21.36
C GLN A 25 13.34 1.92 -20.45
N ARG A 26 13.58 3.07 -19.82
CA ARG A 26 14.75 3.29 -18.91
C ARG A 26 14.66 2.31 -17.73
N TRP A 27 13.45 2.09 -17.22
CA TRP A 27 13.16 1.08 -16.16
C TRP A 27 13.63 -0.31 -16.60
N LYS A 28 13.11 -0.80 -17.73
CA LYS A 28 13.36 -2.20 -18.21
C LYS A 28 14.87 -2.45 -18.27
N GLU A 29 15.65 -1.51 -18.80
CA GLU A 29 17.10 -1.70 -19.01
C GLU A 29 17.84 -1.46 -17.69
N CYS A 30 17.36 -0.56 -16.82
CA CYS A 30 17.85 -0.44 -15.42
C CYS A 30 17.71 -1.80 -14.74
N ALA A 31 16.57 -2.46 -14.93
CA ALA A 31 16.25 -3.81 -14.39
C ALA A 31 17.28 -4.83 -14.89
N LYS A 32 17.62 -4.81 -16.19
CA LYS A 32 18.64 -5.70 -16.78
C LYS A 32 20.00 -5.52 -16.07
N GLN A 33 20.28 -4.31 -15.57
CA GLN A 33 21.54 -3.97 -14.86
C GLN A 33 21.35 -4.14 -13.36
N GLY A 34 20.16 -4.60 -12.94
CA GLY A 34 19.81 -4.87 -11.53
C GLY A 34 19.86 -3.63 -10.67
N LYS A 35 19.59 -2.46 -11.25
CA LYS A 35 19.51 -1.17 -10.52
C LYS A 35 18.03 -0.81 -10.28
N MET A 36 17.11 -1.59 -10.83
CA MET A 36 15.66 -1.52 -10.54
C MET A 36 15.09 -2.93 -10.42
N PRO A 37 13.98 -3.12 -9.69
CA PRO A 37 13.29 -4.42 -9.67
C PRO A 37 12.67 -4.73 -11.03
N CYS A 38 12.39 -6.00 -11.29
CA CYS A 38 11.80 -6.50 -12.57
C CYS A 38 10.61 -5.63 -12.96
N TYR A 39 10.32 -5.55 -14.26
CA TYR A 39 9.17 -4.78 -14.78
C TYR A 39 7.87 -5.42 -14.30
N PHE A 40 6.88 -4.58 -14.03
CA PHE A 40 5.44 -4.92 -13.84
C PHE A 40 4.62 -3.74 -14.39
N ASP A 41 3.34 -3.97 -14.73
CA ASP A 41 2.42 -2.92 -15.23
C ASP A 41 2.08 -1.97 -14.08
N LEU A 42 2.44 -0.70 -14.18
CA LEU A 42 2.17 0.34 -13.16
C LEU A 42 0.74 0.85 -13.36
N ILE A 43 -0.06 0.82 -12.30
CA ILE A 43 -1.48 1.31 -12.32
C ILE A 43 -1.69 2.27 -11.15
N GLU A 44 -2.66 3.16 -11.29
CA GLU A 44 -2.99 4.23 -10.30
C GLU A 44 -4.18 3.79 -9.46
N GLU A 45 -4.85 2.71 -9.86
CA GLU A 45 -6.22 2.35 -9.39
C GLU A 45 -6.41 0.84 -9.55
N ASN A 46 -7.16 0.21 -8.66
CA ASN A 46 -7.47 -1.24 -8.75
C ASN A 46 -8.17 -1.53 -10.08
N VAL A 47 -7.90 -2.69 -10.67
CA VAL A 47 -8.47 -3.16 -11.97
C VAL A 47 -9.19 -4.48 -11.70
N TYR A 48 -10.53 -4.47 -11.78
CA TYR A 48 -11.38 -5.67 -11.56
C TYR A 48 -11.27 -6.57 -12.78
N LEU A 49 -10.86 -7.81 -12.56
CA LEU A 49 -10.81 -8.85 -13.61
C LEU A 49 -12.24 -9.10 -14.11
N THR A 50 -13.20 -9.08 -13.19
CA THR A 50 -14.67 -9.13 -13.43
C THR A 50 -15.33 -7.91 -12.75
N GLU A 51 -15.85 -6.97 -13.55
CA GLU A 51 -16.78 -5.90 -13.12
C GLU A 51 -17.88 -6.45 -12.19
N ARG A 52 -18.35 -5.67 -11.22
CA ARG A 52 -19.46 -6.02 -10.30
C ARG A 52 -20.62 -5.03 -10.52
N ARG A 63 -22.27 7.63 0.69
CA ARG A 63 -22.28 8.61 -0.44
C ARG A 63 -22.23 10.04 0.10
N MET A 64 -23.20 10.41 0.95
CA MET A 64 -23.43 11.80 1.42
C MET A 64 -22.17 12.36 2.11
N GLN A 65 -22.12 13.69 2.27
CA GLN A 65 -20.94 14.46 2.75
C GLN A 65 -20.79 14.36 4.27
N CYS A 66 -19.60 14.70 4.79
CA CYS A 66 -19.33 14.91 6.25
C CYS A 66 -20.03 16.18 6.72
N GLU A 67 -19.79 16.59 7.97
CA GLU A 67 -20.49 17.76 8.59
C GLU A 67 -19.45 18.80 9.05
N CYS A 68 -18.24 18.79 8.48
CA CYS A 68 -17.15 19.74 8.83
C CYS A 68 -17.56 21.15 8.37
N THR A 69 -17.44 22.13 9.28
CA THR A 69 -17.76 23.57 9.04
C THR A 69 -16.63 24.18 8.21
N PRO A 70 -16.90 24.62 6.95
CA PRO A 70 -15.86 25.12 6.07
C PRO A 70 -14.83 26.02 6.79
N LEU A 71 -13.55 25.83 6.50
CA LEU A 71 -12.47 26.69 7.06
C LEU A 71 -12.48 28.04 6.34
N SER A 72 -12.48 29.14 7.09
CA SER A 72 -12.28 30.52 6.58
C SER A 72 -10.88 30.61 5.98
N LYS A 73 -10.67 31.51 5.02
CA LYS A 73 -9.37 31.68 4.31
C LYS A 73 -8.25 31.98 5.33
N ASP A 74 -8.58 32.64 6.45
CA ASP A 74 -7.64 32.98 7.55
C ASP A 74 -7.24 31.72 8.32
N GLU A 75 -8.23 30.90 8.70
CA GLU A 75 -8.03 29.60 9.40
C GLU A 75 -7.11 28.71 8.53
N ARG A 76 -7.34 28.71 7.22
CA ARG A 76 -6.50 27.99 6.21
C ARG A 76 -5.08 28.57 6.21
N ALA A 77 -4.96 29.90 6.28
CA ALA A 77 -3.67 30.64 6.28
C ALA A 77 -2.86 30.24 7.52
N GLN A 78 -3.48 30.30 8.71
CA GLN A 78 -2.88 29.85 10.01
C GLN A 78 -2.41 28.40 9.90
N GLY A 79 -3.04 27.60 9.03
CA GLY A 79 -2.64 26.20 8.74
C GLY A 79 -3.54 25.18 9.42
N GLU A 80 -4.74 25.61 9.85
CA GLU A 80 -5.80 24.72 10.39
C GLU A 80 -6.03 23.58 9.39
N ILE A 81 -6.42 22.40 9.87
CA ILE A 81 -6.60 21.19 9.02
C ILE A 81 -8.07 21.10 8.61
N ALA A 82 -8.32 21.00 7.30
CA ALA A 82 -9.65 20.83 6.69
C ALA A 82 -10.01 19.33 6.65
N CYS A 83 -11.12 18.94 7.27
CA CYS A 83 -11.53 17.51 7.47
C CYS A 83 -10.39 16.77 8.20
N GLY A 84 -10.12 17.16 9.44
CA GLY A 84 -9.08 16.57 10.31
C GLY A 84 -9.66 15.49 11.19
N GLU A 85 -9.16 15.38 12.42
CA GLU A 85 -9.37 14.21 13.31
C GLU A 85 -10.87 13.99 13.58
N ASP A 86 -11.71 15.02 13.43
CA ASP A 86 -13.11 15.00 13.90
C ASP A 86 -14.09 14.87 12.73
N CYS A 87 -13.59 14.91 11.49
CA CYS A 87 -14.39 14.71 10.25
C CYS A 87 -15.11 13.36 10.32
N LEU A 88 -16.45 13.37 10.26
CA LEU A 88 -17.32 12.15 10.37
C LEU A 88 -16.90 11.12 9.31
N ASN A 89 -16.62 11.59 8.09
CA ASN A 89 -16.16 10.70 6.99
C ASN A 89 -14.85 10.00 7.41
N ARG A 90 -13.87 10.75 7.92
CA ARG A 90 -12.52 10.22 8.27
C ARG A 90 -12.65 9.16 9.37
N LEU A 91 -13.44 9.46 10.40
CA LEU A 91 -13.66 8.55 11.55
C LEU A 91 -14.15 7.19 11.05
N LEU A 92 -14.96 7.17 9.98
CA LEU A 92 -15.54 5.93 9.39
C LEU A 92 -14.66 5.40 8.27
N MET A 93 -13.45 5.94 8.12
CA MET A 93 -12.48 5.53 7.06
C MET A 93 -13.22 5.55 5.72
N ILE A 94 -13.93 6.66 5.47
CA ILE A 94 -14.58 7.01 4.18
C ILE A 94 -13.92 8.31 3.71
N GLU A 95 -13.51 8.36 2.46
CA GLU A 95 -12.88 9.56 1.86
C GLU A 95 -13.99 10.46 1.28
N CYS A 96 -13.86 11.77 1.51
CA CYS A 96 -14.72 12.81 0.92
C CYS A 96 -14.59 12.78 -0.61
N SER A 97 -15.62 13.30 -1.29
CA SER A 97 -15.68 13.50 -2.76
C SER A 97 -15.33 14.95 -3.10
N SER A 98 -15.44 15.31 -4.39
CA SER A 98 -15.33 16.69 -4.91
C SER A 98 -16.38 17.61 -4.27
N ARG A 99 -17.38 17.05 -3.60
CA ARG A 99 -18.55 17.79 -3.06
C ARG A 99 -18.44 17.98 -1.55
N CYS A 100 -17.26 17.76 -0.97
CA CYS A 100 -16.95 18.02 0.46
C CYS A 100 -17.10 19.51 0.76
N PRO A 101 -17.68 19.92 1.91
CA PRO A 101 -17.82 21.33 2.22
C PRO A 101 -16.48 22.10 2.29
N ASN A 102 -15.34 21.41 2.35
CA ASN A 102 -13.98 22.01 2.30
C ASN A 102 -13.42 22.02 0.88
N GLY A 103 -14.15 21.45 -0.08
CA GLY A 103 -13.80 21.42 -1.52
C GLY A 103 -12.34 21.02 -1.74
N ASP A 104 -11.56 21.88 -2.37
CA ASP A 104 -10.15 21.59 -2.75
C ASP A 104 -9.31 21.39 -1.50
N TYR A 105 -9.67 22.01 -0.38
CA TYR A 105 -8.83 22.06 0.85
C TYR A 105 -9.04 20.80 1.70
N CYS A 106 -10.00 19.94 1.37
CA CYS A 106 -10.24 18.64 2.08
C CYS A 106 -8.93 17.86 2.15
N SER A 107 -8.47 17.51 3.36
CA SER A 107 -7.26 16.68 3.62
C SER A 107 -7.62 15.18 3.67
N ASN A 108 -8.92 14.83 3.56
CA ASN A 108 -9.46 13.44 3.61
C ASN A 108 -9.76 12.91 2.20
N ARG A 109 -8.90 13.21 1.22
CA ARG A 109 -8.99 12.66 -0.17
C ARG A 109 -7.61 12.12 -0.56
N ARG A 110 -6.87 11.60 0.42
CA ARG A 110 -5.46 11.16 0.30
C ARG A 110 -5.31 10.11 -0.79
N PHE A 111 -6.14 9.07 -0.75
CA PHE A 111 -6.11 7.96 -1.74
C PHE A 111 -6.36 8.48 -3.16
N GLN A 112 -7.41 9.29 -3.36
CA GLN A 112 -7.81 9.80 -4.70
C GLN A 112 -6.74 10.78 -5.22
N ARG A 113 -6.15 11.58 -4.32
CA ARG A 113 -5.17 12.66 -4.64
C ARG A 113 -3.73 12.10 -4.63
N LYS A 114 -3.55 10.79 -4.46
CA LYS A 114 -2.21 10.14 -4.46
C LYS A 114 -1.25 10.91 -3.55
N GLN A 115 -1.70 11.33 -2.36
CA GLN A 115 -0.88 12.12 -1.37
C GLN A 115 -0.01 11.12 -0.59
N HIS A 116 0.80 10.34 -1.33
CA HIS A 116 1.68 9.28 -0.80
C HIS A 116 2.82 9.92 0.00
N ALA A 117 3.35 9.19 0.98
CA ALA A 117 4.57 9.53 1.74
C ALA A 117 5.79 9.52 0.81
N ASP A 118 6.85 10.22 1.19
CA ASP A 118 8.13 10.25 0.44
C ASP A 118 8.91 8.98 0.77
N VAL A 119 8.94 8.01 -0.15
CA VAL A 119 9.49 6.64 0.08
C VAL A 119 10.31 6.21 -1.14
N GLU A 120 11.36 5.42 -0.92
CA GLU A 120 12.25 4.91 -1.98
C GLU A 120 12.16 3.37 -1.99
N VAL A 121 12.52 2.77 -3.12
CA VAL A 121 12.57 1.30 -3.30
C VAL A 121 14.05 0.88 -3.27
N ILE A 122 14.41 -0.02 -2.34
CA ILE A 122 15.79 -0.40 -1.98
C ILE A 122 15.93 -1.92 -2.05
N LEU A 123 17.10 -2.42 -2.41
CA LEU A 123 17.44 -3.87 -2.30
C LEU A 123 17.77 -4.17 -0.83
N THR A 124 17.13 -5.21 -0.27
CA THR A 124 17.39 -5.76 1.08
C THR A 124 18.35 -6.94 0.89
N GLU A 125 19.01 -7.40 1.96
CA GLU A 125 20.04 -8.48 1.85
C GLU A 125 19.40 -9.80 1.39
N LYS A 126 18.18 -10.12 1.85
CA LYS A 126 17.58 -11.47 1.60
C LYS A 126 16.08 -11.42 1.23
N LYS A 127 15.36 -10.31 1.45
CA LYS A 127 13.88 -10.27 1.29
C LYS A 127 13.51 -9.87 -0.14
N GLY A 128 14.51 -9.60 -0.99
CA GLY A 128 14.33 -8.94 -2.29
C GLY A 128 14.30 -7.43 -2.11
N TRP A 129 13.48 -6.75 -2.91
CA TRP A 129 13.33 -5.27 -2.86
C TRP A 129 12.40 -4.90 -1.70
N GLY A 130 12.52 -3.66 -1.21
CA GLY A 130 11.76 -3.14 -0.06
C GLY A 130 11.51 -1.64 -0.18
N LEU A 131 10.87 -1.04 0.82
CA LEU A 131 10.53 0.40 0.88
C LEU A 131 11.24 1.03 2.08
N ARG A 132 11.73 2.25 1.93
CA ARG A 132 12.27 3.02 3.07
C ARG A 132 11.87 4.48 2.98
N ALA A 133 11.68 5.09 4.14
CA ALA A 133 11.46 6.52 4.33
C ALA A 133 12.65 7.27 3.71
N ALA A 134 12.37 8.27 2.87
CA ALA A 134 13.35 9.26 2.36
C ALA A 134 13.38 10.46 3.31
N LYS A 135 12.36 10.57 4.16
CA LYS A 135 12.18 11.61 5.20
C LYS A 135 11.67 10.94 6.48
N ASP A 136 11.72 11.65 7.59
CA ASP A 136 11.00 11.22 8.82
C ASP A 136 9.51 11.19 8.49
N LEU A 137 8.81 10.13 8.88
CA LEU A 137 7.35 10.00 8.64
C LEU A 137 6.64 10.06 9.99
N PRO A 138 5.78 11.07 10.23
CA PRO A 138 5.02 11.13 11.48
C PRO A 138 4.27 9.82 11.69
N SER A 139 3.91 9.53 12.94
CA SER A 139 2.94 8.44 13.28
C SER A 139 1.62 8.72 12.56
N ASN A 140 0.92 7.65 12.19
N ASN A 140 0.89 7.65 12.23
CA ASN A 140 -0.45 7.67 11.63
CA ASN A 140 -0.46 7.67 11.61
C ASN A 140 -0.46 8.43 10.29
C ASN A 140 -0.45 8.44 10.29
N THR A 141 0.60 8.26 9.48
CA THR A 141 0.75 8.87 8.13
C THR A 141 0.43 7.84 7.05
N PHE A 142 -0.42 8.22 6.09
CA PHE A 142 -0.68 7.48 4.82
C PHE A 142 0.62 7.31 4.03
N VAL A 143 0.96 6.07 3.68
CA VAL A 143 2.19 5.73 2.90
C VAL A 143 1.83 5.59 1.43
N LEU A 144 1.10 4.52 1.06
CA LEU A 144 0.73 4.17 -0.33
C LEU A 144 -0.51 3.30 -0.31
N GLU A 145 -1.34 3.40 -1.34
CA GLU A 145 -2.43 2.43 -1.57
C GLU A 145 -1.79 1.16 -2.14
N TYR A 146 -2.25 -0.01 -1.70
CA TYR A 146 -1.93 -1.33 -2.30
C TYR A 146 -2.88 -1.59 -3.47
N CYS A 147 -2.43 -1.24 -4.67
CA CYS A 147 -3.20 -1.32 -5.93
C CYS A 147 -2.86 -2.65 -6.61
N GLY A 148 -3.80 -3.23 -7.37
CA GLY A 148 -3.55 -4.42 -8.21
C GLY A 148 -4.79 -4.93 -8.92
N GLU A 149 -4.70 -6.11 -9.53
CA GLU A 149 -5.87 -6.80 -10.14
C GLU A 149 -6.74 -7.36 -9.00
N VAL A 150 -8.01 -6.98 -8.90
CA VAL A 150 -8.93 -7.51 -7.85
C VAL A 150 -9.53 -8.82 -8.38
N LEU A 151 -9.37 -9.91 -7.63
CA LEU A 151 -9.85 -11.27 -7.98
C LEU A 151 -11.00 -11.70 -7.06
N ASP A 152 -11.96 -12.46 -7.60
CA ASP A 152 -12.90 -13.27 -6.76
C ASP A 152 -12.21 -14.60 -6.44
N HIS A 153 -12.79 -15.38 -5.52
CA HIS A 153 -12.22 -16.63 -4.97
C HIS A 153 -11.80 -17.55 -6.12
N LYS A 154 -12.67 -17.66 -7.13
CA LYS A 154 -12.46 -18.54 -8.31
C LYS A 154 -11.20 -18.08 -9.06
N GLU A 155 -11.14 -16.79 -9.41
CA GLU A 155 -9.97 -16.17 -10.08
C GLU A 155 -8.74 -16.32 -9.18
N PHE A 156 -8.90 -16.18 -7.87
CA PHE A 156 -7.79 -16.28 -6.89
C PHE A 156 -7.18 -17.69 -6.97
N LYS A 157 -8.02 -18.71 -7.05
CA LYS A 157 -7.58 -20.14 -6.99
C LYS A 157 -6.90 -20.51 -8.31
N ALA A 158 -7.37 -19.96 -9.41
CA ALA A 158 -6.71 -20.08 -10.74
C ALA A 158 -5.27 -19.55 -10.62
N ARG A 159 -5.10 -18.36 -10.04
CA ARG A 159 -3.83 -17.59 -9.98
C ARG A 159 -2.84 -18.29 -9.06
N VAL A 160 -3.26 -18.70 -7.86
CA VAL A 160 -2.40 -19.43 -6.88
C VAL A 160 -1.77 -20.61 -7.62
N LYS A 161 -2.57 -21.35 -8.39
CA LYS A 161 -2.14 -22.56 -9.13
C LYS A 161 -1.14 -22.15 -10.22
N GLU A 162 -1.44 -21.05 -10.92
CA GLU A 162 -0.59 -20.50 -12.02
C GLU A 162 0.78 -20.11 -11.45
N TYR A 163 0.81 -19.41 -10.31
CA TYR A 163 2.05 -18.91 -9.69
C TYR A 163 2.87 -20.07 -9.08
N ALA A 164 2.17 -21.05 -8.50
CA ALA A 164 2.78 -22.27 -7.92
C ALA A 164 3.53 -23.01 -9.03
N ARG A 165 2.93 -23.11 -10.21
CA ARG A 165 3.48 -23.91 -11.34
C ARG A 165 4.66 -23.16 -11.97
N ASN A 166 4.62 -21.82 -11.96
CA ASN A 166 5.72 -20.97 -12.50
C ASN A 166 6.89 -20.98 -11.52
N LYS A 167 6.67 -21.38 -10.27
CA LYS A 167 7.71 -21.48 -9.20
C LYS A 167 8.13 -20.06 -8.81
N ASN A 168 7.13 -19.19 -8.66
CA ASN A 168 7.30 -17.81 -8.13
C ASN A 168 7.77 -17.89 -6.67
N ILE A 169 8.69 -16.99 -6.30
CA ILE A 169 9.11 -16.83 -4.89
C ILE A 169 8.23 -15.74 -4.27
N HIS A 170 8.22 -14.54 -4.86
CA HIS A 170 7.47 -13.38 -4.33
C HIS A 170 5.98 -13.58 -4.66
N TYR A 171 5.12 -13.40 -3.66
CA TYR A 171 3.65 -13.36 -3.82
C TYR A 171 3.16 -11.97 -3.40
N TYR A 172 2.01 -11.57 -3.96
CA TYR A 172 1.53 -10.17 -3.85
C TYR A 172 0.03 -10.14 -3.53
N PHE A 173 -0.50 -11.19 -2.93
CA PHE A 173 -1.94 -11.25 -2.58
C PHE A 173 -2.16 -10.40 -1.33
N MET A 174 -3.28 -9.66 -1.32
CA MET A 174 -3.75 -8.87 -0.16
C MET A 174 -5.27 -9.05 -0.05
N ALA A 175 -5.77 -9.51 1.09
CA ALA A 175 -7.22 -9.66 1.33
C ALA A 175 -7.84 -8.26 1.34
N LEU A 176 -8.86 -8.05 0.50
CA LEU A 176 -9.67 -6.81 0.48
C LEU A 176 -10.96 -7.08 1.26
N LYS A 177 -11.71 -8.11 0.87
CA LYS A 177 -12.95 -8.56 1.57
C LYS A 177 -13.44 -9.87 0.93
N ASN A 178 -14.54 -10.43 1.45
CA ASN A 178 -15.24 -11.60 0.87
C ASN A 178 -15.23 -11.54 -0.66
N ASP A 179 -14.53 -12.48 -1.28
CA ASP A 179 -14.59 -12.74 -2.74
C ASP A 179 -13.84 -11.61 -3.49
N GLU A 180 -12.95 -10.89 -2.80
CA GLU A 180 -12.15 -9.79 -3.40
C GLU A 180 -10.74 -9.85 -2.81
N ILE A 181 -9.80 -10.42 -3.59
CA ILE A 181 -8.35 -10.50 -3.26
C ILE A 181 -7.62 -9.64 -4.29
N ILE A 182 -6.76 -8.75 -3.82
CA ILE A 182 -5.88 -7.91 -4.68
C ILE A 182 -4.63 -8.72 -4.99
N ASP A 183 -4.23 -8.72 -6.26
CA ASP A 183 -3.08 -9.46 -6.80
C ASP A 183 -2.22 -8.45 -7.56
N ALA A 184 -1.06 -8.10 -6.99
CA ALA A 184 -0.13 -7.06 -7.51
C ALA A 184 1.10 -7.72 -8.11
N THR A 185 0.93 -8.95 -8.63
CA THR A 185 2.02 -9.76 -9.22
C THR A 185 2.38 -9.15 -10.57
N GLN A 186 1.37 -9.00 -11.44
CA GLN A 186 1.50 -8.50 -12.83
C GLN A 186 1.25 -6.98 -12.85
N LYS A 187 0.22 -6.50 -12.16
CA LYS A 187 -0.20 -5.07 -12.13
C LYS A 187 -0.31 -4.58 -10.69
N GLY A 188 0.20 -3.38 -10.40
CA GLY A 188 0.16 -2.74 -9.08
C GLY A 188 1.02 -1.47 -9.07
N ASN A 189 1.43 -1.02 -7.88
CA ASN A 189 2.33 0.15 -7.76
C ASN A 189 3.45 -0.21 -6.77
N CYS A 190 4.23 0.77 -6.35
CA CYS A 190 5.42 0.55 -5.48
C CYS A 190 5.01 -0.01 -4.11
N SER A 191 3.76 0.14 -3.67
CA SER A 191 3.23 -0.47 -2.42
C SER A 191 3.58 -1.97 -2.36
N ARG A 192 3.66 -2.63 -3.52
CA ARG A 192 3.96 -4.09 -3.67
C ARG A 192 5.39 -4.43 -3.24
N PHE A 193 6.24 -3.44 -2.89
CA PHE A 193 7.63 -3.68 -2.42
C PHE A 193 7.70 -3.65 -0.89
N MET A 194 6.62 -3.29 -0.20
CA MET A 194 6.66 -3.23 1.29
C MET A 194 6.68 -4.65 1.81
N ASN A 195 7.60 -4.90 2.76
CA ASN A 195 7.93 -6.25 3.30
C ASN A 195 7.21 -6.47 4.64
N HIS A 196 6.99 -7.74 4.96
CA HIS A 196 6.46 -8.18 6.26
C HIS A 196 7.53 -7.95 7.33
N SER A 197 7.12 -7.55 8.53
CA SER A 197 7.88 -7.75 9.78
C SER A 197 6.93 -8.19 10.89
N CYS A 198 7.43 -9.02 11.81
CA CYS A 198 6.74 -9.46 13.05
C CYS A 198 6.68 -8.29 14.04
N GLU A 199 7.55 -7.29 13.88
CA GLU A 199 7.54 -6.05 14.71
C GLU A 199 7.49 -4.83 13.78
N PRO A 200 6.34 -4.58 13.12
CA PRO A 200 6.26 -3.57 12.06
C PRO A 200 6.24 -2.10 12.51
N ASN A 201 6.36 -1.19 11.54
CA ASN A 201 6.23 0.28 11.73
C ASN A 201 5.07 0.81 10.89
N CYS A 202 4.31 -0.07 10.24
CA CYS A 202 3.11 0.29 9.43
C CYS A 202 2.00 -0.72 9.68
N GLU A 203 0.78 -0.37 9.25
CA GLU A 203 -0.43 -1.24 9.31
C GLU A 203 -1.23 -1.02 8.03
N THR A 204 -2.12 -1.95 7.70
CA THR A 204 -3.11 -1.76 6.62
C THR A 204 -4.36 -1.12 7.22
N GLN A 205 -5.08 -0.37 6.38
CA GLN A 205 -6.41 0.23 6.67
C GLN A 205 -7.25 0.09 5.41
N LYS A 206 -8.44 -0.49 5.56
CA LYS A 206 -9.43 -0.63 4.47
C LYS A 206 -10.31 0.61 4.49
N TRP A 207 -10.24 1.43 3.45
CA TRP A 207 -10.97 2.72 3.30
C TRP A 207 -11.98 2.61 2.17
N THR A 208 -13.11 3.32 2.31
CA THR A 208 -14.14 3.45 1.25
C THR A 208 -13.84 4.68 0.40
N VAL A 209 -13.67 4.45 -0.90
CA VAL A 209 -13.40 5.48 -1.94
C VAL A 209 -14.35 5.23 -3.13
N ASN A 210 -15.35 6.11 -3.29
CA ASN A 210 -16.42 6.04 -4.33
C ASN A 210 -17.16 4.70 -4.26
N GLY A 211 -17.70 4.36 -3.10
CA GLY A 211 -18.40 3.09 -2.88
C GLY A 211 -17.50 1.87 -2.98
N GLN A 212 -16.25 2.01 -3.47
CA GLN A 212 -15.32 0.85 -3.61
C GLN A 212 -14.35 0.84 -2.43
N LEU A 213 -14.01 -0.37 -1.98
CA LEU A 213 -13.09 -0.61 -0.85
C LEU A 213 -11.68 -0.61 -1.43
N ARG A 214 -10.74 -0.03 -0.69
CA ARG A 214 -9.30 0.00 -1.07
C ARG A 214 -8.45 -0.24 0.18
N VAL A 215 -7.21 -0.69 -0.01
CA VAL A 215 -6.25 -0.94 1.11
C VAL A 215 -5.08 0.00 0.96
N GLY A 216 -4.71 0.67 2.05
CA GLY A 216 -3.54 1.55 2.12
C GLY A 216 -2.68 1.24 3.33
N PHE A 217 -1.39 1.50 3.23
CA PHE A 217 -0.42 1.38 4.33
C PHE A 217 -0.37 2.72 5.08
N PHE A 218 -0.33 2.64 6.39
CA PHE A 218 -0.24 3.78 7.32
C PHE A 218 0.79 3.45 8.39
N THR A 219 1.66 4.43 8.70
CA THR A 219 2.62 4.34 9.83
C THR A 219 1.85 4.15 11.13
N THR A 220 2.44 3.39 12.07
CA THR A 220 1.91 3.18 13.43
C THR A 220 2.79 3.95 14.43
N LYS A 221 3.95 4.44 14.01
CA LYS A 221 4.89 5.21 14.87
C LYS A 221 5.70 6.18 14.01
N LEU A 222 6.49 7.06 14.65
CA LEU A 222 7.46 7.97 14.00
C LEU A 222 8.54 7.11 13.31
N VAL A 223 8.70 7.20 11.99
CA VAL A 223 9.62 6.31 11.20
C VAL A 223 10.79 7.13 10.69
N PRO A 224 11.97 7.07 11.34
CA PRO A 224 13.15 7.80 10.90
C PRO A 224 13.50 7.61 9.42
N SER A 225 13.96 8.68 8.77
CA SER A 225 14.54 8.67 7.40
C SER A 225 15.54 7.50 7.27
N GLY A 226 15.58 6.88 6.08
CA GLY A 226 16.43 5.72 5.76
C GLY A 226 15.89 4.38 6.25
N SER A 227 14.85 4.38 7.10
CA SER A 227 14.32 3.17 7.79
C SER A 227 13.39 2.35 6.87
N GLU A 228 13.53 1.03 6.90
CA GLU A 228 12.69 0.12 6.08
C GLU A 228 11.25 0.18 6.60
N LEU A 229 10.29 0.31 5.70
CA LEU A 229 8.85 0.27 6.01
C LEU A 229 8.38 -1.18 5.94
N THR A 230 7.56 -1.57 6.93
CA THR A 230 7.16 -2.96 7.24
C THR A 230 5.76 -2.98 7.86
N PHE A 231 5.00 -4.05 7.61
CA PHE A 231 3.68 -4.28 8.24
C PHE A 231 3.53 -5.77 8.53
N ASP A 232 2.65 -6.13 9.46
CA ASP A 232 2.35 -7.53 9.82
C ASP A 232 1.36 -8.09 8.79
N TYR A 233 1.86 -8.88 7.84
CA TYR A 233 1.08 -9.65 6.84
C TYR A 233 0.44 -10.87 7.54
N GLN A 234 -0.89 -10.91 7.56
CA GLN A 234 -1.68 -11.89 8.35
C GLN A 234 -2.56 -12.76 7.43
N PHE A 235 -2.35 -12.73 6.11
CA PHE A 235 -3.08 -13.55 5.12
C PHE A 235 -2.91 -15.04 5.46
N GLN A 236 -3.98 -15.82 5.38
CA GLN A 236 -4.01 -17.26 5.78
C GLN A 236 -3.14 -18.07 4.82
N ARG A 237 -2.09 -18.71 5.34
CA ARG A 237 -1.21 -19.64 4.60
C ARG A 237 -2.07 -20.72 3.94
N TYR A 238 -1.72 -21.10 2.71
CA TYR A 238 -2.21 -22.32 2.01
C TYR A 238 -0.97 -23.10 1.61
N GLY A 239 -1.14 -24.38 1.27
CA GLY A 239 -0.02 -25.27 0.91
C GLY A 239 0.74 -25.74 2.14
N LYS A 240 1.90 -26.39 1.92
CA LYS A 240 2.65 -27.15 2.95
C LYS A 240 3.86 -26.35 3.43
N GLU A 241 4.70 -25.86 2.52
CA GLU A 241 5.96 -25.15 2.87
C GLU A 241 5.71 -23.64 2.91
N ALA A 242 5.81 -23.02 4.08
CA ALA A 242 5.68 -21.56 4.28
C ALA A 242 7.04 -20.88 4.05
N GLN A 243 7.02 -19.62 3.62
CA GLN A 243 8.25 -18.82 3.37
C GLN A 243 8.83 -18.44 4.73
N LYS A 244 10.16 -18.47 4.85
CA LYS A 244 10.87 -18.07 6.09
C LYS A 244 10.86 -16.54 6.21
N CYS A 245 10.62 -16.04 7.41
CA CYS A 245 10.65 -14.60 7.75
C CYS A 245 12.08 -14.23 8.11
N PHE A 246 12.64 -13.19 7.49
CA PHE A 246 13.99 -12.63 7.81
C PHE A 246 13.85 -11.21 8.33
N CYS A 247 12.77 -10.89 9.05
CA CYS A 247 12.50 -9.55 9.62
C CYS A 247 13.56 -9.23 10.68
N GLY A 248 14.04 -10.24 11.41
CA GLY A 248 15.14 -10.11 12.39
C GLY A 248 14.66 -9.58 13.73
N SER A 249 13.35 -9.42 13.93
CA SER A 249 12.77 -9.08 15.25
C SER A 249 13.09 -10.22 16.23
N ALA A 250 13.40 -9.89 17.48
CA ALA A 250 13.65 -10.86 18.57
C ALA A 250 12.42 -11.77 18.71
N ASN A 251 11.24 -11.24 18.35
CA ASN A 251 9.92 -11.89 18.51
C ASN A 251 9.42 -12.40 17.15
N CYS A 252 10.35 -12.75 16.25
CA CYS A 252 10.04 -13.31 14.91
C CYS A 252 9.27 -14.63 15.06
N ARG A 253 8.19 -14.79 14.29
CA ARG A 253 7.38 -16.03 14.20
C ARG A 253 8.09 -17.00 13.24
N GLY A 254 9.07 -16.52 12.48
CA GLY A 254 9.94 -17.36 11.62
C GLY A 254 9.39 -17.63 10.24
N TYR A 255 8.08 -17.45 10.02
CA TYR A 255 7.42 -17.68 8.70
C TYR A 255 6.46 -16.53 8.38
N LEU A 256 6.14 -16.40 7.09
CA LEU A 256 5.24 -15.36 6.53
C LEU A 256 3.83 -15.93 6.42
N GLY A 257 2.83 -15.09 6.75
CA GLY A 257 1.40 -15.41 6.66
C GLY A 257 0.81 -15.78 8.01
N GLY A 258 -0.53 -15.73 8.13
CA GLY A 258 -1.32 -16.16 9.30
C GLY A 258 -1.42 -17.67 9.40
N GLU A 259 -1.75 -18.17 10.60
CA GLU A 259 -1.49 -19.54 11.12
C GLU A 259 -1.78 -20.65 10.10
N ASN A 260 -3.04 -20.84 9.73
CA ASN A 260 -3.58 -22.05 9.03
C ASN A 260 -2.73 -22.39 7.80
#